data_5RZT
#
_entry.id   5RZT
#
_cell.length_a   38.640
_cell.length_b   77.520
_cell.length_c   99.430
_cell.angle_alpha   90.000
_cell.angle_beta   90.000
_cell.angle_gamma   90.000
#
_symmetry.space_group_name_H-M   'P 21 21 21'
#
loop_
_entity.id
_entity.type
_entity.pdbx_description
1 polymer 'Isoform 2 of Band 4.1-like protein 3'
2 non-polymer N-methyl-1-(5-methyl-1,2-oxazol-3-yl)methanesulfonamide
3 non-polymer 'DIMETHYL SULFOXIDE'
4 non-polymer 1,2-ETHANEDIOL
5 water water
#
_entity_poly.entity_id   1
_entity_poly.type   'polypeptide(L)'
_entity_poly.pdbx_seq_one_letter_code
;SMPKSMQCKVILLDGSEYTCDVEKRSRGQVLFDKVCEHLNLLEKDYFGLTYRDAENQKNWLDPAKEIKKQVRSGAWHFSF
NVKFYPPDPAQLSEDITRYYLCLQLRDDIVSGRLPCSFVTLALLGSYTVQSELGDYDPDECGSDYISEFRFAPNHTKELE
DKVIELHKSHRGMTPAEAEMHFLENAKKLSMYGVDLHHAKDSEGVEIMLGVCASGLLIYRDRLRINRFAWPKVLKISYKR
NNFYIKIRPGEFEQFESTIGFKLPNHRAAKRLWKVCVEHHTFFRLL
;
_entity_poly.pdbx_strand_id   A
#
# COMPACT_ATOMS: atom_id res chain seq x y z
N PRO A 3 -15.23 1.04 33.22
CA PRO A 3 -14.78 1.46 31.88
C PRO A 3 -14.71 0.26 30.90
N LYS A 4 -15.69 0.16 30.01
CA LYS A 4 -15.88 -1.03 29.14
C LYS A 4 -14.89 -1.04 27.97
N SER A 5 -14.22 -2.17 27.75
N SER A 5 -14.22 -2.18 27.79
CA SER A 5 -13.18 -2.34 26.71
CA SER A 5 -13.20 -2.43 26.74
C SER A 5 -13.62 -3.37 25.66
C SER A 5 -13.82 -3.26 25.60
N MET A 6 -13.29 -3.12 24.39
CA MET A 6 -13.61 -4.00 23.24
C MET A 6 -12.32 -4.69 22.85
N GLN A 7 -12.41 -5.98 22.57
CA GLN A 7 -11.28 -6.75 22.05
C GLN A 7 -11.05 -6.36 20.58
N CYS A 8 -9.82 -6.03 20.24
CA CYS A 8 -9.38 -5.70 18.86
C CYS A 8 -8.47 -6.80 18.38
N LYS A 9 -8.69 -7.26 17.15
CA LYS A 9 -7.81 -8.20 16.44
C LYS A 9 -7.22 -7.50 15.21
N VAL A 10 -5.88 -7.51 15.13
CA VAL A 10 -5.15 -6.85 14.02
C VAL A 10 -4.31 -7.90 13.31
N ILE A 11 -4.50 -8.06 12.01
CA ILE A 11 -3.61 -8.89 11.14
C ILE A 11 -2.37 -8.05 10.84
N LEU A 12 -1.23 -8.53 11.30
CA LEU A 12 0.09 -7.90 11.04
C LEU A 12 0.63 -8.33 9.68
N LEU A 13 1.66 -7.62 9.21
CA LEU A 13 2.13 -7.79 7.81
C LEU A 13 2.86 -9.14 7.66
N ASP A 14 3.32 -9.75 8.77
CA ASP A 14 3.92 -11.10 8.76
C ASP A 14 2.82 -12.17 8.82
N GLY A 15 1.55 -11.77 8.77
CA GLY A 15 0.39 -12.70 8.72
C GLY A 15 -0.09 -13.15 10.09
N SER A 16 0.59 -12.74 11.17
CA SER A 16 0.17 -13.09 12.55
C SER A 16 -0.89 -12.09 13.02
N GLU A 17 -1.54 -12.45 14.13
CA GLU A 17 -2.70 -11.74 14.71
C GLU A 17 -2.29 -11.15 16.05
N TYR A 18 -2.37 -9.83 16.20
CA TYR A 18 -2.21 -9.12 17.47
C TYR A 18 -3.60 -8.85 18.04
N THR A 19 -3.79 -9.17 19.34
CA THR A 19 -5.05 -8.95 20.08
C THR A 19 -4.77 -7.95 21.21
N CYS A 20 -5.57 -6.90 21.31
CA CYS A 20 -5.52 -6.01 22.49
C CYS A 20 -6.93 -5.54 22.81
N ASP A 21 -7.07 -4.75 23.85
CA ASP A 21 -8.35 -4.18 24.29
C ASP A 21 -8.20 -2.68 24.27
N VAL A 22 -9.23 -1.97 23.88
CA VAL A 22 -9.32 -0.49 24.04
C VAL A 22 -10.68 -0.17 24.61
N GLU A 23 -10.80 0.92 25.34
CA GLU A 23 -12.10 1.46 25.81
C GLU A 23 -13.00 1.61 24.57
N LYS A 24 -14.28 1.26 24.68
CA LYS A 24 -15.21 1.14 23.52
C LYS A 24 -15.42 2.52 22.84
N ARG A 25 -15.22 3.64 23.53
CA ARG A 25 -15.32 5.00 22.93
C ARG A 25 -13.94 5.47 22.37
N SER A 26 -12.94 4.62 22.36
CA SER A 26 -11.59 4.98 21.86
C SER A 26 -11.62 5.47 20.41
N ARG A 27 -10.76 6.46 20.15
CA ARG A 27 -10.39 6.94 18.80
C ARG A 27 -9.43 5.94 18.18
N GLY A 28 -9.35 5.91 16.85
CA GLY A 28 -8.48 4.98 16.12
C GLY A 28 -7.04 5.13 16.55
N GLN A 29 -6.58 6.36 16.84
CA GLN A 29 -5.16 6.60 17.23
C GLN A 29 -4.79 5.70 18.40
N VAL A 30 -5.72 5.50 19.35
CA VAL A 30 -5.42 4.69 20.58
C VAL A 30 -4.95 3.31 20.14
N LEU A 31 -5.72 2.61 19.29
CA LEU A 31 -5.39 1.24 18.82
C LEU A 31 -4.12 1.27 17.97
N PHE A 32 -4.01 2.23 17.07
CA PHE A 32 -2.83 2.38 16.19
C PHE A 32 -1.54 2.47 17.06
N ASP A 33 -1.56 3.31 18.09
CA ASP A 33 -0.39 3.52 18.99
C ASP A 33 -0.04 2.17 19.64
N LYS A 34 -1.03 1.40 20.10
CA LYS A 34 -0.78 0.06 20.70
C LYS A 34 -0.12 -0.86 19.66
N VAL A 35 -0.58 -0.84 18.40
CA VAL A 35 -0.03 -1.80 17.41
C VAL A 35 1.41 -1.39 17.05
N CYS A 36 1.63 -0.10 16.86
CA CYS A 36 2.97 0.45 16.54
C CYS A 36 3.94 0.18 17.69
N GLU A 37 3.52 0.34 18.94
CA GLU A 37 4.41 0.00 20.08
C GLU A 37 4.72 -1.50 20.01
N HIS A 38 3.71 -2.35 19.81
CA HIS A 38 3.95 -3.81 19.67
C HIS A 38 5.00 -4.04 18.58
N LEU A 39 4.93 -3.32 17.47
CA LEU A 39 5.81 -3.57 16.30
C LEU A 39 7.19 -2.90 16.47
N ASN A 40 7.40 -2.13 17.55
CA ASN A 40 8.60 -1.29 17.81
C ASN A 40 8.80 -0.29 16.66
N LEU A 41 7.71 0.25 16.15
CA LEU A 41 7.69 1.13 14.97
C LEU A 41 7.58 2.57 15.45
N LEU A 42 8.57 3.39 15.07
CA LEU A 42 8.62 4.83 15.40
C LEU A 42 8.20 5.71 14.24
N GLU A 43 8.56 5.35 13.00
CA GLU A 43 8.14 6.13 11.82
C GLU A 43 6.70 5.71 11.45
N LYS A 44 5.74 6.08 12.27
CA LYS A 44 4.33 5.61 12.22
C LYS A 44 3.55 6.25 11.05
N ASP A 45 3.99 7.42 10.59
CA ASP A 45 3.26 8.31 9.63
C ASP A 45 2.94 7.62 8.30
N TYR A 46 3.74 6.63 7.88
CA TYR A 46 3.54 5.91 6.59
C TYR A 46 2.47 4.83 6.69
N PHE A 47 1.95 4.53 7.88
CA PHE A 47 1.12 3.34 8.11
C PHE A 47 -0.25 3.71 8.67
N GLY A 48 -1.13 2.75 8.70
CA GLY A 48 -2.46 2.91 9.27
C GLY A 48 -3.09 1.54 9.43
N LEU A 49 -4.30 1.56 9.92
CA LEU A 49 -5.12 0.35 10.08
C LEU A 49 -6.27 0.41 9.09
N THR A 50 -6.59 -0.73 8.50
CA THR A 50 -7.75 -0.87 7.62
C THR A 50 -8.78 -1.73 8.34
N TYR A 51 -10.03 -1.53 8.00
CA TYR A 51 -11.14 -2.44 8.35
C TYR A 51 -12.01 -2.62 7.11
N ARG A 52 -12.88 -3.61 7.17
CA ARG A 52 -13.88 -3.93 6.10
C ARG A 52 -15.21 -3.33 6.51
N ASP A 53 -15.86 -2.56 5.64
CA ASP A 53 -17.16 -1.92 5.97
C ASP A 53 -18.25 -2.96 5.70
N ALA A 54 -19.51 -2.58 5.93
CA ALA A 54 -20.72 -3.42 5.73
C ALA A 54 -20.77 -3.96 4.28
N GLU A 55 -20.17 -3.25 3.31
CA GLU A 55 -20.13 -3.66 1.87
C GLU A 55 -18.87 -4.50 1.56
N ASN A 56 -18.06 -4.84 2.58
CA ASN A 56 -16.80 -5.63 2.49
C ASN A 56 -15.70 -4.82 1.76
N GLN A 57 -15.78 -3.50 1.77
CA GLN A 57 -14.73 -2.65 1.14
C GLN A 57 -13.69 -2.32 2.24
N LYS A 58 -12.42 -2.32 1.88
CA LYS A 58 -11.32 -1.78 2.74
C LYS A 58 -11.49 -0.28 2.92
N ASN A 59 -11.48 0.15 4.18
CA ASN A 59 -11.46 1.57 4.58
C ASN A 59 -10.25 1.78 5.48
N TRP A 60 -9.65 2.96 5.43
CA TRP A 60 -8.68 3.40 6.45
C TRP A 60 -9.44 3.75 7.73
N LEU A 61 -8.97 3.24 8.86
CA LEU A 61 -9.43 3.65 10.20
C LEU A 61 -8.90 5.06 10.44
N ASP A 62 -9.81 6.01 10.60
CA ASP A 62 -9.44 7.42 10.86
C ASP A 62 -8.99 7.49 12.30
N PRO A 63 -7.71 7.82 12.55
CA PRO A 63 -7.20 7.88 13.92
C PRO A 63 -7.83 8.97 14.79
N ALA A 64 -8.43 9.99 14.17
CA ALA A 64 -9.08 11.12 14.88
C ALA A 64 -10.52 10.78 15.29
N LYS A 65 -11.13 9.72 14.74
CA LYS A 65 -12.56 9.42 14.97
C LYS A 65 -12.73 8.17 15.83
N GLU A 66 -13.87 8.05 16.50
CA GLU A 66 -14.15 6.88 17.35
C GLU A 66 -14.09 5.62 16.48
N ILE A 67 -13.47 4.57 16.99
CA ILE A 67 -13.45 3.25 16.30
C ILE A 67 -14.90 2.78 16.07
N LYS A 68 -15.77 2.89 17.09
CA LYS A 68 -17.14 2.33 16.98
C LYS A 68 -17.91 3.05 15.88
N LYS A 69 -17.64 4.33 15.60
CA LYS A 69 -18.45 5.07 14.60
C LYS A 69 -17.92 4.80 13.19
N GLN A 70 -16.87 3.99 13.09
CA GLN A 70 -16.30 3.57 11.79
C GLN A 70 -16.67 2.12 11.52
N VAL A 71 -16.39 1.20 12.45
CA VAL A 71 -16.63 -0.24 12.24
C VAL A 71 -18.15 -0.47 12.34
N ARG A 72 -18.83 0.41 13.06
CA ARG A 72 -20.32 0.49 13.19
C ARG A 72 -20.84 -0.88 13.61
N SER A 73 -21.43 -1.62 12.67
CA SER A 73 -22.11 -2.90 12.95
C SER A 73 -21.10 -4.05 12.87
N GLY A 74 -19.92 -3.81 12.28
CA GLY A 74 -18.91 -4.84 11.97
C GLY A 74 -18.05 -5.21 13.18
N ALA A 75 -17.30 -6.29 13.02
CA ALA A 75 -16.34 -6.81 14.01
C ALA A 75 -15.19 -5.82 14.17
N TRP A 76 -14.56 -5.83 15.33
CA TRP A 76 -13.38 -4.96 15.61
C TRP A 76 -12.12 -5.73 15.16
N HIS A 77 -12.05 -5.94 13.87
CA HIS A 77 -10.97 -6.67 13.19
C HIS A 77 -10.34 -5.72 12.17
N PHE A 78 -9.02 -5.72 12.11
CA PHE A 78 -8.29 -4.69 11.35
C PHE A 78 -7.09 -5.36 10.69
N SER A 79 -6.47 -4.71 9.72
CA SER A 79 -5.13 -5.08 9.25
C SER A 79 -4.21 -3.88 9.45
N PHE A 80 -2.94 -4.15 9.65
CA PHE A 80 -1.89 -3.11 9.71
C PHE A 80 -1.27 -3.01 8.32
N ASN A 81 -1.25 -1.82 7.72
CA ASN A 81 -0.83 -1.65 6.33
C ASN A 81 -0.05 -0.34 6.13
N VAL A 82 0.71 -0.33 5.06
CA VAL A 82 1.33 0.92 4.55
C VAL A 82 0.21 1.75 3.93
N LYS A 83 0.11 3.01 4.37
CA LYS A 83 -0.88 3.98 3.86
C LYS A 83 -0.20 4.87 2.82
N PHE A 84 0.96 5.41 3.14
CA PHE A 84 1.74 6.29 2.24
C PHE A 84 3.06 5.61 1.87
N TYR A 85 3.18 5.13 0.64
CA TYR A 85 4.40 4.43 0.19
C TYR A 85 5.44 5.50 -0.12
N PRO A 86 6.62 5.48 0.53
CA PRO A 86 7.64 6.51 0.29
C PRO A 86 8.28 6.32 -1.08
N PRO A 87 8.36 7.36 -1.94
CA PRO A 87 9.12 7.28 -3.17
C PRO A 87 10.63 7.11 -2.90
N ASP A 88 11.10 7.46 -1.70
CA ASP A 88 12.55 7.42 -1.34
C ASP A 88 12.75 6.61 -0.07
N PRO A 89 12.66 5.26 -0.16
CA PRO A 89 12.83 4.39 1.01
C PRO A 89 14.21 4.51 1.68
N ALA A 90 15.25 4.89 0.93
CA ALA A 90 16.63 5.05 1.45
C ALA A 90 16.67 6.12 2.54
N GLN A 91 15.78 7.12 2.48
CA GLN A 91 15.79 8.28 3.41
C GLN A 91 14.94 8.03 4.65
N LEU A 92 14.17 6.93 4.72
CA LEU A 92 13.49 6.57 6.00
C LEU A 92 14.57 6.42 7.07
N SER A 93 14.32 6.89 8.30
CA SER A 93 15.36 6.96 9.35
C SER A 93 15.66 5.56 9.92
N GLU A 94 14.72 4.59 9.85
CA GLU A 94 15.00 3.29 10.52
C GLU A 94 14.86 2.12 9.55
N ASP A 95 15.71 1.12 9.79
CA ASP A 95 15.71 -0.17 9.10
C ASP A 95 14.36 -0.85 9.37
N ILE A 96 13.80 -0.71 10.56
CA ILE A 96 12.57 -1.51 10.88
C ILE A 96 11.42 -0.95 10.05
N THR A 97 11.42 0.35 9.74
CA THR A 97 10.41 0.97 8.85
C THR A 97 10.53 0.29 7.50
N ARG A 98 11.76 0.18 6.99
CA ARG A 98 12.01 -0.40 5.64
C ARG A 98 11.55 -1.86 5.66
N TYR A 99 11.73 -2.54 6.79
CA TYR A 99 11.30 -3.95 7.00
C TYR A 99 9.79 -4.10 6.81
N TYR A 100 8.98 -3.33 7.51
CA TYR A 100 7.50 -3.38 7.39
C TYR A 100 7.12 -3.03 5.96
N LEU A 101 7.81 -2.05 5.35
CA LEU A 101 7.49 -1.65 3.95
C LEU A 101 7.74 -2.85 3.02
N CYS A 102 8.83 -3.61 3.21
CA CYS A 102 9.12 -4.83 2.41
C CYS A 102 7.96 -5.83 2.61
N LEU A 103 7.58 -6.07 3.86
CA LEU A 103 6.51 -7.05 4.13
C LEU A 103 5.25 -6.62 3.38
N GLN A 104 4.91 -5.33 3.42
CA GLN A 104 3.68 -4.88 2.71
C GLN A 104 3.85 -5.16 1.22
N LEU A 105 5.00 -4.78 0.67
CA LEU A 105 5.26 -4.92 -0.75
C LEU A 105 5.24 -6.39 -1.16
N ARG A 106 5.73 -7.29 -0.32
CA ARG A 106 5.68 -8.74 -0.65
C ARG A 106 4.22 -9.16 -0.84
N ASP A 107 3.31 -8.68 0.00
CA ASP A 107 1.86 -8.96 -0.13
C ASP A 107 1.28 -8.27 -1.37
N ASP A 108 1.69 -7.05 -1.65
CA ASP A 108 1.26 -6.35 -2.87
C ASP A 108 1.63 -7.22 -4.09
N ILE A 109 2.80 -7.83 -4.06
CA ILE A 109 3.28 -8.62 -5.23
C ILE A 109 2.50 -9.94 -5.30
N VAL A 110 2.46 -10.71 -4.23
CA VAL A 110 1.84 -12.08 -4.22
C VAL A 110 0.35 -11.94 -4.60
N SER A 111 -0.28 -10.87 -4.14
CA SER A 111 -1.72 -10.56 -4.34
C SER A 111 -2.00 -10.21 -5.79
N GLY A 112 -1.01 -9.69 -6.52
CA GLY A 112 -1.17 -9.18 -7.90
C GLY A 112 -1.52 -7.71 -7.96
N ARG A 113 -1.64 -7.02 -6.82
CA ARG A 113 -1.87 -5.56 -6.81
C ARG A 113 -0.66 -4.86 -7.42
N LEU A 114 0.54 -5.45 -7.32
CA LEU A 114 1.79 -4.79 -7.83
C LEU A 114 2.36 -5.68 -8.92
N PRO A 115 2.00 -5.45 -10.20
CA PRO A 115 2.44 -6.30 -11.28
C PRO A 115 3.95 -6.14 -11.37
N CYS A 116 4.62 -7.19 -11.84
N CYS A 116 4.63 -7.26 -11.65
CA CYS A 116 6.08 -7.32 -11.79
CA CYS A 116 6.11 -7.35 -11.80
C CYS A 116 6.55 -8.32 -12.85
C CYS A 116 6.43 -8.22 -13.02
N SER A 117 7.61 -8.00 -13.60
CA SER A 117 8.22 -8.88 -14.61
C SER A 117 8.80 -10.11 -13.90
N PHE A 118 8.99 -11.18 -14.66
CA PHE A 118 9.65 -12.41 -14.21
C PHE A 118 10.96 -12.09 -13.48
N VAL A 119 11.82 -11.30 -14.12
CA VAL A 119 13.19 -11.03 -13.60
C VAL A 119 13.05 -10.24 -12.30
N THR A 120 12.17 -9.24 -12.23
CA THR A 120 12.00 -8.46 -10.97
C THR A 120 11.39 -9.32 -9.87
N LEU A 121 10.39 -10.15 -10.15
CA LEU A 121 9.89 -11.14 -9.17
C LEU A 121 11.05 -11.96 -8.59
N ALA A 122 11.93 -12.49 -9.44
CA ALA A 122 13.08 -13.33 -9.02
C ALA A 122 14.07 -12.49 -8.20
N LEU A 123 14.33 -11.25 -8.62
CA LEU A 123 15.30 -10.39 -7.91
C LEU A 123 14.77 -9.98 -6.53
N LEU A 124 13.54 -9.52 -6.46
CA LEU A 124 12.85 -9.22 -5.18
C LEU A 124 12.83 -10.47 -4.28
N GLY A 125 12.48 -11.63 -4.82
CA GLY A 125 12.51 -12.90 -4.09
C GLY A 125 13.89 -13.17 -3.51
N SER A 126 14.93 -13.09 -4.34
CA SER A 126 16.32 -13.35 -3.92
C SER A 126 16.74 -12.42 -2.76
N TYR A 127 16.34 -11.15 -2.75
CA TYR A 127 16.65 -10.25 -1.62
C TYR A 127 15.88 -10.70 -0.37
N THR A 128 14.61 -11.03 -0.49
CA THR A 128 13.83 -11.54 0.67
C THR A 128 14.54 -12.78 1.24
N VAL A 129 14.90 -13.73 0.38
CA VAL A 129 15.57 -14.98 0.84
C VAL A 129 16.88 -14.59 1.54
N GLN A 130 17.67 -13.69 0.96
CA GLN A 130 18.97 -13.30 1.58
C GLN A 130 18.70 -12.68 2.96
N SER A 131 17.75 -11.75 3.02
N SER A 131 17.71 -11.78 3.04
CA SER A 131 17.36 -11.07 4.28
CA SER A 131 17.34 -11.05 4.27
C SER A 131 16.97 -12.12 5.33
C SER A 131 16.85 -12.03 5.35
N GLU A 132 16.13 -13.09 4.95
CA GLU A 132 15.53 -14.04 5.93
C GLU A 132 16.34 -15.31 6.21
N LEU A 133 17.04 -15.89 5.24
CA LEU A 133 17.87 -17.10 5.52
C LEU A 133 19.34 -16.72 5.59
N GLY A 134 19.73 -15.56 5.07
CA GLY A 134 21.16 -15.26 4.95
C GLY A 134 21.76 -15.93 3.72
N ASP A 135 23.04 -16.27 3.76
CA ASP A 135 23.83 -16.66 2.57
C ASP A 135 23.25 -17.92 1.98
N TYR A 136 23.27 -18.04 0.65
CA TYR A 136 22.85 -19.26 -0.08
C TYR A 136 23.57 -20.47 0.54
N ASP A 137 22.81 -21.52 0.84
CA ASP A 137 23.34 -22.83 1.29
C ASP A 137 22.81 -23.92 0.37
N PRO A 138 23.70 -24.63 -0.38
CA PRO A 138 23.27 -25.69 -1.30
C PRO A 138 22.59 -26.86 -0.56
N ASP A 139 23.04 -27.15 0.67
CA ASP A 139 22.54 -28.28 1.50
C ASP A 139 21.02 -28.21 1.58
N GLU A 140 20.47 -27.00 1.70
CA GLU A 140 19.01 -26.73 1.81
C GLU A 140 18.34 -27.01 0.45
N CYS A 141 18.89 -26.45 -0.64
CA CYS A 141 18.28 -26.43 -1.99
C CYS A 141 18.95 -27.45 -2.91
N GLY A 142 18.18 -28.44 -3.38
CA GLY A 142 18.57 -29.34 -4.48
C GLY A 142 18.07 -28.80 -5.80
N SER A 143 18.24 -29.57 -6.89
CA SER A 143 17.79 -29.19 -8.26
C SER A 143 16.27 -29.08 -8.28
N ASP A 144 15.59 -29.63 -7.27
CA ASP A 144 14.10 -29.71 -7.20
C ASP A 144 13.58 -28.80 -6.07
N TYR A 145 14.34 -27.78 -5.68
CA TYR A 145 13.96 -26.90 -4.54
C TYR A 145 12.78 -25.97 -4.89
N ILE A 146 11.82 -25.89 -3.96
CA ILE A 146 10.69 -24.93 -3.98
C ILE A 146 10.59 -24.24 -2.61
N SER A 147 10.82 -22.92 -2.57
CA SER A 147 10.88 -22.13 -1.32
C SER A 147 9.51 -22.13 -0.65
N GLU A 148 9.50 -22.08 0.68
CA GLU A 148 8.27 -21.79 1.46
C GLU A 148 7.79 -20.39 1.09
N PHE A 149 8.68 -19.51 0.64
CA PHE A 149 8.38 -18.07 0.44
C PHE A 149 7.50 -18.03 -0.80
N ARG A 150 6.46 -17.25 -0.64
CA ARG A 150 5.54 -16.80 -1.70
C ARG A 150 6.20 -15.57 -2.28
N PHE A 151 6.49 -15.61 -3.55
CA PHE A 151 7.21 -14.56 -4.32
C PHE A 151 6.33 -13.88 -5.35
N ALA A 152 5.22 -14.50 -5.74
CA ALA A 152 4.50 -14.11 -6.97
C ALA A 152 3.07 -14.64 -6.94
N PRO A 153 2.15 -14.02 -7.70
CA PRO A 153 0.79 -14.51 -7.78
C PRO A 153 0.71 -15.91 -8.36
N ASN A 154 1.61 -16.26 -9.28
CA ASN A 154 1.71 -17.64 -9.84
C ASN A 154 3.18 -18.08 -9.85
N HIS A 155 3.46 -19.16 -9.13
CA HIS A 155 4.83 -19.69 -8.97
C HIS A 155 5.08 -20.74 -10.06
N THR A 156 6.27 -20.70 -10.64
CA THR A 156 6.76 -21.68 -11.61
C THR A 156 8.12 -22.17 -11.13
N LYS A 157 8.49 -23.37 -11.56
CA LYS A 157 9.83 -23.92 -11.25
C LYS A 157 10.90 -22.97 -11.81
N GLU A 158 10.71 -22.45 -13.01
CA GLU A 158 11.67 -21.48 -13.61
C GLU A 158 11.86 -20.32 -12.61
N LEU A 159 10.77 -19.82 -12.01
CA LEU A 159 10.90 -18.63 -11.13
C LEU A 159 11.72 -19.06 -9.90
N GLU A 160 11.43 -20.21 -9.32
CA GLU A 160 12.15 -20.70 -8.13
C GLU A 160 13.63 -20.82 -8.43
N ASP A 161 13.96 -21.30 -9.64
CA ASP A 161 15.36 -21.50 -10.09
C ASP A 161 16.07 -20.14 -10.15
N LYS A 162 15.39 -19.12 -10.66
CA LYS A 162 16.02 -17.81 -10.87
C LYS A 162 16.23 -17.13 -9.52
N VAL A 163 15.28 -17.26 -8.59
CA VAL A 163 15.48 -16.77 -7.19
C VAL A 163 16.80 -17.36 -6.66
N ILE A 164 16.99 -18.66 -6.74
CA ILE A 164 18.23 -19.31 -6.22
C ILE A 164 19.46 -18.75 -6.92
N GLU A 165 19.42 -18.62 -8.25
CA GLU A 165 20.60 -18.19 -9.02
C GLU A 165 20.98 -16.78 -8.53
N LEU A 166 20.00 -15.91 -8.32
CA LEU A 166 20.27 -14.54 -7.84
C LEU A 166 20.64 -14.56 -6.37
N HIS A 167 20.04 -15.45 -5.58
CA HIS A 167 20.39 -15.60 -4.15
C HIS A 167 21.90 -15.90 -4.03
N LYS A 168 22.42 -16.71 -4.92
CA LYS A 168 23.85 -17.09 -4.86
C LYS A 168 24.74 -15.85 -4.97
N SER A 169 24.31 -14.81 -5.70
CA SER A 169 25.14 -13.61 -6.01
C SER A 169 25.18 -12.71 -4.77
N HIS A 170 24.31 -12.90 -3.78
CA HIS A 170 24.15 -11.96 -2.64
C HIS A 170 24.96 -12.36 -1.39
N ARG A 171 25.92 -13.28 -1.51
CA ARG A 171 26.74 -13.74 -0.35
C ARG A 171 27.30 -12.54 0.42
N GLY A 172 27.16 -12.55 1.75
CA GLY A 172 27.68 -11.52 2.67
C GLY A 172 26.72 -10.37 2.86
N MET A 173 25.58 -10.36 2.17
CA MET A 173 24.61 -9.24 2.27
C MET A 173 23.88 -9.35 3.62
N THR A 174 23.81 -8.25 4.33
CA THR A 174 23.11 -8.17 5.63
C THR A 174 21.60 -7.96 5.38
N PRO A 175 20.75 -8.35 6.35
CA PRO A 175 19.31 -8.20 6.18
C PRO A 175 18.88 -6.78 5.81
N ALA A 176 19.43 -5.77 6.48
CA ALA A 176 19.11 -4.35 6.23
C ALA A 176 19.52 -3.99 4.82
N GLU A 177 20.66 -4.52 4.39
CA GLU A 177 21.23 -4.26 3.05
C GLU A 177 20.32 -4.87 1.96
N ALA A 178 19.93 -6.14 2.12
CA ALA A 178 19.03 -6.86 1.19
C ALA A 178 17.64 -6.17 1.15
N GLU A 179 17.13 -5.71 2.29
CA GLU A 179 15.83 -4.98 2.36
C GLU A 179 15.97 -3.64 1.60
N MET A 180 17.08 -2.94 1.75
CA MET A 180 17.28 -1.69 0.99
C MET A 180 17.30 -2.01 -0.52
N HIS A 181 18.00 -3.07 -0.97
CA HIS A 181 18.02 -3.46 -2.40
C HIS A 181 16.61 -3.85 -2.88
N PHE A 182 15.87 -4.56 -2.05
CA PHE A 182 14.48 -4.92 -2.40
C PHE A 182 13.72 -3.64 -2.77
N LEU A 183 13.77 -2.67 -1.87
CA LEU A 183 13.07 -1.38 -2.01
C LEU A 183 13.58 -0.55 -3.20
N GLU A 184 14.88 -0.53 -3.46
CA GLU A 184 15.44 0.26 -4.59
C GLU A 184 14.83 -0.26 -5.90
N ASN A 185 14.59 -1.58 -6.00
CA ASN A 185 13.93 -2.21 -7.17
C ASN A 185 12.42 -1.98 -7.14
N ALA A 186 11.76 -2.25 -6.00
CA ALA A 186 10.28 -2.23 -5.92
C ALA A 186 9.75 -0.83 -6.22
N LYS A 187 10.46 0.21 -5.74
CA LYS A 187 10.01 1.64 -5.79
C LYS A 187 9.92 2.07 -7.26
N LYS A 188 10.57 1.35 -8.18
CA LYS A 188 10.61 1.72 -9.62
C LYS A 188 9.45 1.12 -10.40
N LEU A 189 8.74 0.14 -9.85
CA LEU A 189 7.62 -0.54 -10.55
C LEU A 189 6.53 0.51 -10.81
N SER A 190 5.94 0.46 -11.99
CA SER A 190 4.99 1.51 -12.43
C SER A 190 3.76 1.55 -11.51
N MET A 191 3.42 0.48 -10.77
CA MET A 191 2.23 0.47 -9.88
C MET A 191 2.66 0.55 -8.40
N TYR A 192 3.93 0.85 -8.12
CA TYR A 192 4.40 1.06 -6.73
C TYR A 192 3.58 2.13 -6.02
N GLY A 193 2.96 1.73 -4.93
CA GLY A 193 2.20 2.60 -4.01
C GLY A 193 0.96 3.21 -4.66
N VAL A 194 0.44 2.60 -5.72
CA VAL A 194 -0.74 3.12 -6.45
C VAL A 194 -1.96 2.42 -5.87
N ASP A 195 -2.86 3.19 -5.25
CA ASP A 195 -4.17 2.74 -4.74
C ASP A 195 -5.19 2.92 -5.87
N LEU A 196 -5.72 1.83 -6.42
CA LEU A 196 -6.61 1.82 -7.62
C LEU A 196 -8.08 1.86 -7.21
N HIS A 197 -8.84 2.74 -7.85
CA HIS A 197 -10.31 2.85 -7.65
C HIS A 197 -11.00 2.69 -9.01
N HIS A 198 -11.89 1.70 -9.16
CA HIS A 198 -12.81 1.59 -10.33
C HIS A 198 -13.69 2.84 -10.43
N ALA A 199 -13.88 3.37 -11.64
CA ALA A 199 -14.73 4.56 -11.88
C ALA A 199 -15.16 4.61 -13.34
N LYS A 200 -16.02 5.56 -13.66
CA LYS A 200 -16.44 5.86 -15.05
C LYS A 200 -16.15 7.33 -15.30
N ASP A 201 -15.73 7.64 -16.54
CA ASP A 201 -15.46 9.04 -16.92
C ASP A 201 -16.81 9.69 -17.17
N SER A 202 -16.82 10.99 -17.49
CA SER A 202 -18.03 11.80 -17.79
C SER A 202 -18.77 11.24 -18.99
N GLU A 203 -18.19 10.32 -19.75
CA GLU A 203 -18.86 9.71 -20.93
C GLU A 203 -19.40 8.30 -20.60
N GLY A 204 -19.14 7.78 -19.40
CA GLY A 204 -19.55 6.41 -19.01
C GLY A 204 -18.50 5.34 -19.28
N VAL A 205 -17.33 5.69 -19.83
CA VAL A 205 -16.26 4.70 -20.14
C VAL A 205 -15.60 4.29 -18.82
N GLU A 206 -15.40 2.98 -18.63
CA GLU A 206 -14.86 2.37 -17.39
C GLU A 206 -13.38 2.67 -17.32
N ILE A 207 -12.94 3.32 -16.24
CA ILE A 207 -11.50 3.67 -16.04
C ILE A 207 -11.09 3.16 -14.67
N MET A 208 -9.79 3.26 -14.38
CA MET A 208 -9.25 3.17 -13.00
C MET A 208 -8.62 4.52 -12.69
N LEU A 209 -8.86 4.98 -11.47
CA LEU A 209 -8.17 6.14 -10.87
C LEU A 209 -7.11 5.63 -9.88
N GLY A 210 -5.85 6.03 -10.06
CA GLY A 210 -4.76 5.59 -9.17
C GLY A 210 -4.35 6.73 -8.28
N VAL A 211 -4.24 6.48 -7.00
CA VAL A 211 -3.84 7.53 -6.03
C VAL A 211 -2.43 7.18 -5.52
N CYS A 212 -1.52 8.13 -5.58
CA CYS A 212 -0.13 7.86 -5.12
C CYS A 212 0.60 9.17 -4.84
N ALA A 213 1.86 9.06 -4.44
CA ALA A 213 2.73 10.20 -4.08
C ALA A 213 2.70 11.30 -5.15
N SER A 214 2.83 10.92 -6.42
CA SER A 214 3.12 11.90 -7.51
C SER A 214 1.81 12.54 -7.99
N GLY A 215 0.67 11.90 -7.75
CA GLY A 215 -0.61 12.55 -8.06
C GLY A 215 -1.75 11.58 -8.23
N LEU A 216 -2.74 11.99 -8.99
CA LEU A 216 -3.89 11.17 -9.39
C LEU A 216 -3.60 10.69 -10.82
N LEU A 217 -3.68 9.39 -11.03
CA LEU A 217 -3.47 8.77 -12.35
C LEU A 217 -4.84 8.31 -12.85
N ILE A 218 -5.08 8.45 -14.16
CA ILE A 218 -6.32 7.97 -14.85
C ILE A 218 -5.92 6.96 -15.93
N TYR A 219 -6.16 5.67 -15.68
CA TYR A 219 -5.91 4.57 -16.63
C TYR A 219 -7.18 4.33 -17.46
N ARG A 220 -7.13 4.66 -18.75
CA ARG A 220 -8.25 4.48 -19.72
C ARG A 220 -7.94 3.29 -20.61
N ASP A 221 -6.76 3.28 -21.24
CA ASP A 221 -6.22 2.15 -22.04
C ASP A 221 -4.70 2.12 -21.85
N ARG A 222 -4.02 1.14 -22.48
CA ARG A 222 -2.56 0.89 -22.35
C ARG A 222 -1.79 1.99 -23.07
N LEU A 223 -2.50 2.97 -23.65
CA LEU A 223 -1.91 4.06 -24.47
C LEU A 223 -2.54 5.40 -24.09
N ARG A 224 -3.67 5.35 -23.38
CA ARG A 224 -4.44 6.53 -22.91
C ARG A 224 -4.37 6.59 -21.37
N ILE A 225 -3.27 7.12 -20.83
CA ILE A 225 -3.02 7.24 -19.35
C ILE A 225 -2.72 8.70 -19.02
N ASN A 226 -3.62 9.34 -18.26
CA ASN A 226 -3.51 10.76 -17.85
C ASN A 226 -2.97 10.82 -16.42
N ARG A 227 -2.27 11.91 -16.07
CA ARG A 227 -1.62 12.10 -14.75
C ARG A 227 -1.81 13.55 -14.29
N PHE A 228 -2.23 13.74 -13.04
CA PHE A 228 -2.40 15.07 -12.43
C PHE A 228 -1.49 15.10 -11.21
N ALA A 229 -0.32 15.74 -11.34
CA ALA A 229 0.61 15.98 -10.21
C ALA A 229 -0.18 16.71 -9.12
N TRP A 230 0.04 16.36 -7.86
CA TRP A 230 -0.70 16.99 -6.74
C TRP A 230 -0.67 18.52 -6.85
N PRO A 231 0.48 19.17 -7.20
CA PRO A 231 0.52 20.63 -7.26
C PRO A 231 -0.54 21.19 -8.23
N LYS A 232 -0.84 20.46 -9.31
CA LYS A 232 -1.83 20.87 -10.35
C LYS A 232 -3.27 20.69 -9.87
N VAL A 233 -3.51 20.26 -8.62
CA VAL A 233 -4.86 19.91 -8.10
C VAL A 233 -5.22 20.89 -6.98
N LEU A 234 -6.20 21.77 -7.23
CA LEU A 234 -6.59 22.84 -6.27
C LEU A 234 -7.64 22.33 -5.29
N LYS A 235 -8.60 21.56 -5.80
CA LYS A 235 -9.79 21.16 -5.01
C LYS A 235 -10.22 19.76 -5.45
N ILE A 236 -10.48 18.95 -4.44
CA ILE A 236 -11.00 17.55 -4.56
C ILE A 236 -12.35 17.58 -3.86
N SER A 237 -13.40 17.11 -4.53
CA SER A 237 -14.77 17.14 -3.96
C SER A 237 -15.50 15.86 -4.37
N TYR A 238 -16.55 15.52 -3.64
CA TYR A 238 -17.50 14.44 -4.01
C TYR A 238 -18.92 14.96 -3.82
N LYS A 239 -19.86 14.42 -4.58
CA LYS A 239 -21.28 14.72 -4.38
C LYS A 239 -22.05 13.55 -4.97
N ARG A 240 -22.90 12.92 -4.16
CA ARG A 240 -23.66 11.71 -4.56
C ARG A 240 -22.64 10.63 -4.98
N ASN A 241 -22.71 10.14 -6.21
CA ASN A 241 -21.84 9.04 -6.72
C ASN A 241 -20.68 9.65 -7.51
N ASN A 242 -20.47 10.96 -7.40
CA ASN A 242 -19.53 11.69 -8.30
C ASN A 242 -18.33 12.19 -7.52
N PHE A 243 -17.18 12.10 -8.19
CA PHE A 243 -15.89 12.59 -7.69
C PHE A 243 -15.42 13.67 -8.67
N TYR A 244 -14.94 14.80 -8.15
CA TYR A 244 -14.51 15.96 -8.99
C TYR A 244 -13.11 16.41 -8.57
N ILE A 245 -12.25 16.71 -9.54
CA ILE A 245 -10.98 17.43 -9.24
C ILE A 245 -10.94 18.74 -10.03
N LYS A 246 -10.53 19.82 -9.37
CA LYS A 246 -10.38 21.17 -9.96
C LYS A 246 -8.91 21.31 -10.40
N ILE A 247 -8.63 21.16 -11.72
CA ILE A 247 -7.28 21.22 -12.39
C ILE A 247 -6.88 22.69 -12.66
N ARG A 248 -5.87 23.17 -11.92
CA ARG A 248 -5.30 24.55 -11.93
C ARG A 248 -5.28 25.12 -13.35
N PRO A 249 -5.56 26.44 -13.54
CA PRO A 249 -5.39 27.05 -14.85
C PRO A 249 -3.92 26.96 -15.33
N GLY A 250 -3.70 26.44 -16.53
CA GLY A 250 -2.44 26.64 -17.28
C GLY A 250 -2.08 28.12 -17.39
N GLU A 251 -0.80 28.42 -17.60
CA GLU A 251 -0.35 29.83 -17.79
C GLU A 251 -1.23 30.48 -18.87
N PHE A 252 -1.68 31.70 -18.63
CA PHE A 252 -2.41 32.53 -19.62
C PHE A 252 -3.81 31.96 -19.88
N GLU A 253 -4.23 30.93 -19.14
CA GLU A 253 -5.62 30.40 -19.25
C GLU A 253 -6.45 31.15 -18.20
N GLN A 254 -7.70 31.47 -18.54
CA GLN A 254 -8.53 32.35 -17.69
C GLN A 254 -9.14 31.54 -16.54
N PHE A 255 -9.48 30.27 -16.76
CA PHE A 255 -10.29 29.46 -15.82
C PHE A 255 -9.66 28.10 -15.50
N GLU A 256 -9.79 27.69 -14.25
CA GLU A 256 -9.63 26.30 -13.76
C GLU A 256 -10.45 25.38 -14.66
N SER A 257 -10.05 24.11 -14.82
CA SER A 257 -10.86 23.07 -15.52
C SER A 257 -11.35 22.04 -14.50
N THR A 258 -12.53 21.46 -14.71
CA THR A 258 -13.15 20.52 -13.74
C THR A 258 -13.25 19.16 -14.43
N ILE A 259 -12.82 18.10 -13.74
CA ILE A 259 -12.95 16.74 -14.33
C ILE A 259 -13.77 15.91 -13.35
N GLY A 260 -14.77 15.24 -13.90
CA GLY A 260 -15.83 14.57 -13.14
C GLY A 260 -15.76 13.09 -13.37
N PHE A 261 -15.88 12.31 -12.30
CA PHE A 261 -16.00 10.84 -12.43
C PHE A 261 -17.21 10.29 -11.70
N LYS A 262 -17.70 9.15 -12.20
CA LYS A 262 -18.81 8.39 -11.60
C LYS A 262 -18.22 7.21 -10.84
N LEU A 263 -18.45 7.16 -9.54
CA LEU A 263 -18.03 6.00 -8.71
C LEU A 263 -19.23 5.07 -8.52
N PRO A 264 -18.99 3.79 -8.16
CA PRO A 264 -20.05 2.81 -8.00
C PRO A 264 -21.16 3.25 -7.04
N ASN A 265 -20.82 4.00 -6.01
CA ASN A 265 -21.80 4.42 -4.98
C ASN A 265 -21.22 5.58 -4.21
N HIS A 266 -22.03 6.16 -3.36
CA HIS A 266 -21.66 7.37 -2.61
C HIS A 266 -20.48 7.06 -1.68
N ARG A 267 -20.43 5.85 -1.11
CA ARG A 267 -19.36 5.50 -0.13
C ARG A 267 -18.03 5.41 -0.88
N ALA A 268 -18.05 4.83 -2.09
CA ALA A 268 -16.87 4.71 -2.98
C ALA A 268 -16.38 6.12 -3.37
N ALA A 269 -17.29 7.05 -3.66
CA ALA A 269 -16.90 8.44 -4.01
C ALA A 269 -16.24 9.09 -2.79
N LYS A 270 -16.77 8.91 -1.61
CA LYS A 270 -16.23 9.59 -0.40
C LYS A 270 -14.85 9.03 -0.07
N ARG A 271 -14.69 7.72 -0.07
CA ARG A 271 -13.44 6.98 0.19
C ARG A 271 -12.34 7.49 -0.74
N LEU A 272 -12.64 7.62 -2.04
CA LEU A 272 -11.65 8.14 -3.02
C LEU A 272 -11.29 9.57 -2.66
N TRP A 273 -12.29 10.42 -2.39
CA TRP A 273 -12.04 11.82 -1.98
C TRP A 273 -11.10 11.83 -0.76
N LYS A 274 -11.36 11.01 0.25
CA LYS A 274 -10.57 11.07 1.52
C LYS A 274 -9.12 10.66 1.25
N VAL A 275 -8.90 9.58 0.52
CA VAL A 275 -7.53 9.06 0.24
C VAL A 275 -6.78 10.09 -0.62
N CYS A 276 -7.46 10.79 -1.53
CA CYS A 276 -6.86 11.86 -2.36
C CYS A 276 -6.40 13.02 -1.47
N VAL A 277 -7.29 13.54 -0.62
CA VAL A 277 -6.99 14.66 0.33
C VAL A 277 -5.80 14.23 1.19
N GLU A 278 -5.81 13.00 1.71
CA GLU A 278 -4.73 12.54 2.61
C GLU A 278 -3.41 12.47 1.84
N HIS A 279 -3.40 11.91 0.63
CA HIS A 279 -2.19 11.84 -0.22
C HIS A 279 -1.72 13.26 -0.58
N HIS A 280 -2.66 14.14 -0.94
CA HIS A 280 -2.37 15.55 -1.31
C HIS A 280 -1.64 16.21 -0.14
N THR A 281 -2.19 16.11 1.07
CA THR A 281 -1.59 16.69 2.29
C THR A 281 -0.22 16.08 2.55
N PHE A 282 -0.13 14.76 2.56
CA PHE A 282 1.10 14.04 2.95
C PHE A 282 2.25 14.39 2.01
N PHE A 283 1.97 14.30 0.70
CA PHE A 283 2.95 14.43 -0.42
C PHE A 283 2.76 15.79 -1.12
N ARG A 284 2.25 16.78 -0.38
CA ARG A 284 2.24 18.21 -0.78
C ARG A 284 3.69 18.68 -0.92
N LEU A 285 4.52 18.37 0.08
CA LEU A 285 5.80 19.07 0.37
C LEU A 285 6.71 18.16 1.22
N LEU A 286 7.97 18.56 1.44
CA LEU A 286 8.92 17.92 2.40
C LEU A 286 9.51 18.99 3.32
#